data_2IM3
#
_entry.id   2IM3
#
_cell.length_a   128.115
_cell.length_b   128.115
_cell.length_c   112.833
_cell.angle_alpha   90.00
_cell.angle_beta   90.00
_cell.angle_gamma   120.00
#
_symmetry.space_group_name_H-M   'P 65'
#
loop_
_entity.id
_entity.type
_entity.pdbx_description
1 polymer 'poliovirus polymerase'
2 non-polymer 'MANGANESE (II) ION'
3 non-polymer 'SODIUM ION'
4 non-polymer "URIDINE 5'-TRIPHOSPHATE"
5 non-polymer 'ACETIC ACID'
6 water water
#
_entity_poly.entity_id   1
_entity_poly.type   'polypeptide(L)'
_entity_poly.pdbx_seq_one_letter_code
;GEIQWMRPSKEVGYPIINAPSKTKLEPSAFHYVFEGVKEPAVLTKNDPRLKTDFEEAIFSKYVGNKITEVDEYMKEAVDH
YAGQLMSLDINTEQM(CAS)LEDAMYGTDGLEALDLSTSAGYPYVAMGKKKRDILNKQTRDTKEMQKLLDTYGINLPLVT
YVKDELRSKTKVEQGKSRLIEASSLNDSVAMRMAFGNLYAAFHKNPGVITGSAVG(CAS)DPDLFWSKIPVLMEEKLFAF
DYTGYDASLSPAWFEALKMVLEKIGFGDRVDYIDYLNHSHHLYKNKTY(CAS)VKGGMPSG(CAS)SGTSIFNSMINNLI
IRTLLLKTYKGIDLDHLKMIAYGDDVIASYPHEVDASLLAQSGKDYGLTMTPADKSATFETVTWENVTFLKRFFRADEKY
PFLIHPVMPMKEIHESIRWTKDPRNTQDHVRSLCLLAWHNGEEEYNKFLAKIRSVPIGRALDLPEYSTLYDRWLDSF
;
_entity_poly.pdbx_strand_id   A
#
loop_
_chem_comp.id
_chem_comp.type
_chem_comp.name
_chem_comp.formula
ACY non-polymer 'ACETIC ACID' 'C2 H4 O2'
MN non-polymer 'MANGANESE (II) ION' 'Mn 2'
NA non-polymer 'SODIUM ION' 'Na 1'
UTP non-polymer 'URIDINE 5'-TRIPHOSPHATE' 'C9 H15 N2 O15 P3'
#
# COMPACT_ATOMS: atom_id res chain seq x y z
N GLY A 1 -10.56 -13.32 3.25
CA GLY A 1 -10.78 -12.63 4.56
C GLY A 1 -12.23 -12.71 4.99
N GLU A 2 -12.46 -13.16 6.23
CA GLU A 2 -13.81 -13.27 6.74
C GLU A 2 -13.89 -13.08 8.26
N ILE A 3 -14.89 -12.33 8.69
CA ILE A 3 -15.08 -12.06 10.12
C ILE A 3 -15.74 -13.26 10.80
N GLN A 4 -15.07 -13.81 11.80
CA GLN A 4 -15.62 -14.96 12.52
C GLN A 4 -16.72 -14.56 13.51
N TRP A 5 -16.47 -13.51 14.27
CA TRP A 5 -17.44 -12.98 15.23
C TRP A 5 -17.15 -11.52 15.54
N MET A 6 -18.10 -10.88 16.22
CA MET A 6 -17.99 -9.48 16.61
C MET A 6 -18.98 -9.19 17.72
N ARG A 7 -18.52 -8.49 18.76
CA ARG A 7 -19.37 -8.15 19.90
C ARG A 7 -18.80 -6.99 20.72
N PRO A 8 -19.54 -6.52 21.74
CA PRO A 8 -19.08 -5.41 22.59
C PRO A 8 -17.73 -5.66 23.25
N SER A 9 -16.81 -4.71 23.11
CA SER A 9 -15.48 -4.84 23.69
C SER A 9 -15.51 -4.99 25.20
N LYS A 10 -16.56 -4.50 25.83
CA LYS A 10 -16.70 -4.60 27.28
C LYS A 10 -16.89 -6.09 27.61
N GLU A 11 -17.72 -6.76 26.81
CA GLU A 11 -18.00 -8.18 27.00
C GLU A 11 -16.74 -9.05 27.04
N VAL A 12 -15.57 -8.48 26.76
CA VAL A 12 -14.34 -9.27 26.78
C VAL A 12 -13.21 -8.55 27.48
N GLY A 13 -13.54 -7.47 28.16
CA GLY A 13 -12.53 -6.73 28.90
C GLY A 13 -11.78 -5.67 28.12
N TYR A 14 -12.42 -5.12 27.09
CA TYR A 14 -11.80 -4.07 26.27
C TYR A 14 -12.59 -2.77 26.31
N PRO A 15 -11.86 -1.65 26.46
CA PRO A 15 -12.42 -0.29 26.50
C PRO A 15 -12.92 0.18 25.16
N ILE A 16 -13.95 1.03 25.15
CA ILE A 16 -14.46 1.56 23.90
C ILE A 16 -13.40 2.51 23.35
N ILE A 17 -13.14 2.43 22.04
CA ILE A 17 -12.13 3.27 21.39
C ILE A 17 -12.72 4.52 20.76
N ASN A 18 -12.11 5.66 21.08
CA ASN A 18 -12.56 6.93 20.56
C ASN A 18 -11.87 7.29 19.25
N ALA A 19 -12.68 7.66 18.27
CA ALA A 19 -12.18 8.06 16.97
C ALA A 19 -12.89 9.33 16.56
N PRO A 20 -12.13 10.41 16.28
CA PRO A 20 -12.74 11.69 15.88
C PRO A 20 -13.85 11.44 14.87
N SER A 21 -14.97 12.12 15.04
CA SER A 21 -16.10 11.95 14.13
C SER A 21 -16.11 13.00 13.04
N LYS A 22 -15.12 13.89 13.08
CA LYS A 22 -15.02 14.96 12.09
C LYS A 22 -13.78 14.89 11.20
N THR A 23 -13.99 15.04 9.91
CA THR A 23 -12.91 15.02 8.92
C THR A 23 -12.02 16.23 9.11
N LYS A 24 -10.75 16.12 8.74
CA LYS A 24 -9.82 17.24 8.87
C LYS A 24 -9.76 17.95 7.52
N LEU A 25 -10.32 17.31 6.51
CA LEU A 25 -10.35 17.84 5.15
C LEU A 25 -11.36 18.97 5.04
N GLU A 26 -10.93 20.10 4.47
CA GLU A 26 -11.80 21.25 4.27
C GLU A 26 -11.33 21.90 3.00
N PRO A 27 -12.25 22.54 2.26
CA PRO A 27 -11.88 23.19 1.00
C PRO A 27 -10.63 24.04 1.19
N SER A 28 -9.74 23.99 0.19
CA SER A 28 -8.49 24.75 0.25
C SER A 28 -8.54 26.03 -0.57
N ALA A 29 -7.52 26.87 -0.40
CA ALA A 29 -7.42 28.11 -1.13
C ALA A 29 -7.64 27.92 -2.63
N PHE A 30 -7.40 26.71 -3.12
CA PHE A 30 -7.54 26.45 -4.55
C PHE A 30 -8.79 25.66 -4.88
N HIS A 31 -9.68 25.54 -3.91
CA HIS A 31 -10.90 24.79 -4.11
C HIS A 31 -11.72 25.22 -5.33
N TYR A 32 -11.80 26.52 -5.60
CA TYR A 32 -12.61 26.99 -6.72
C TYR A 32 -11.85 27.33 -7.98
N VAL A 33 -10.53 27.17 -7.95
CA VAL A 33 -9.71 27.46 -9.12
C VAL A 33 -9.55 26.19 -9.94
N PHE A 34 -9.77 25.05 -9.31
CA PHE A 34 -9.62 23.77 -9.98
C PHE A 34 -10.88 22.94 -9.87
N GLU A 35 -11.06 22.03 -10.81
CA GLU A 35 -12.22 21.15 -10.83
C GLU A 35 -11.99 19.89 -10.02
N GLY A 36 -13.03 19.45 -9.31
CA GLY A 36 -12.92 18.25 -8.50
C GLY A 36 -14.29 17.74 -8.10
N VAL A 37 -14.45 16.42 -7.98
CA VAL A 37 -15.73 15.82 -7.62
C VAL A 37 -15.64 14.84 -6.46
N LYS A 38 -14.60 14.96 -5.65
CA LYS A 38 -14.43 14.08 -4.51
C LYS A 38 -14.62 14.83 -3.20
N GLU A 39 -15.11 14.14 -2.18
CA GLU A 39 -15.34 14.75 -0.87
C GLU A 39 -14.71 13.88 0.20
N PRO A 40 -14.68 14.37 1.44
CA PRO A 40 -14.11 13.62 2.56
C PRO A 40 -14.96 12.39 2.84
N ALA A 41 -14.32 11.23 2.86
CA ALA A 41 -14.99 9.95 3.09
C ALA A 41 -15.84 9.94 4.35
N VAL A 42 -16.87 9.12 4.37
CA VAL A 42 -17.74 9.02 5.54
C VAL A 42 -16.93 8.49 6.71
N LEU A 43 -17.06 9.15 7.86
CA LEU A 43 -16.32 8.74 9.04
C LEU A 43 -17.24 8.16 10.12
N THR A 44 -18.52 8.49 10.05
CA THR A 44 -19.47 7.99 11.04
C THR A 44 -20.76 7.51 10.38
N LYS A 45 -21.52 6.72 11.14
CA LYS A 45 -22.79 6.12 10.70
C LYS A 45 -23.86 7.17 10.46
N ASN A 46 -23.65 8.35 11.05
CA ASN A 46 -24.60 9.46 10.97
C ASN A 46 -24.56 10.24 9.67
N ASP A 47 -23.35 10.50 9.18
CA ASP A 47 -23.13 11.26 7.95
C ASP A 47 -24.35 11.33 7.02
N PRO A 48 -24.98 12.50 6.98
CA PRO A 48 -26.17 12.85 6.20
C PRO A 48 -26.15 12.31 4.77
N ARG A 49 -24.96 12.18 4.21
CA ARG A 49 -24.82 11.70 2.84
C ARG A 49 -25.15 10.22 2.61
N LEU A 50 -24.94 9.39 3.63
CA LEU A 50 -25.18 7.95 3.54
C LEU A 50 -26.47 7.51 2.85
N LYS A 51 -26.44 6.30 2.29
CA LYS A 51 -27.60 5.72 1.60
C LYS A 51 -27.70 4.22 1.82
N THR A 52 -27.00 3.75 2.84
CA THR A 52 -27.00 2.33 3.21
C THR A 52 -26.31 2.25 4.55
N ASP A 53 -26.49 1.14 5.26
CA ASP A 53 -25.86 1.02 6.55
C ASP A 53 -24.36 1.23 6.38
N PHE A 54 -23.80 2.11 7.20
CA PHE A 54 -22.38 2.40 7.18
C PHE A 54 -21.67 1.12 7.62
N GLU A 55 -21.86 0.76 8.88
CA GLU A 55 -21.27 -0.44 9.48
C GLU A 55 -21.17 -1.62 8.50
N GLU A 56 -22.26 -1.90 7.81
CA GLU A 56 -22.30 -3.01 6.86
C GLU A 56 -21.40 -2.76 5.68
N ALA A 57 -21.56 -1.60 5.06
CA ALA A 57 -20.76 -1.22 3.90
C ALA A 57 -19.26 -1.34 4.13
N ILE A 58 -18.75 -0.68 5.17
CA ILE A 58 -17.32 -0.73 5.42
C ILE A 58 -16.72 -2.11 5.57
N PHE A 59 -17.40 -2.99 6.29
CA PHE A 59 -16.87 -4.33 6.50
C PHE A 59 -17.13 -5.33 5.38
N SER A 60 -18.01 -5.00 4.44
CA SER A 60 -18.31 -5.94 3.37
C SER A 60 -17.06 -6.34 2.57
N LYS A 61 -15.95 -5.61 2.77
CA LYS A 61 -14.73 -5.91 2.06
C LYS A 61 -14.25 -7.32 2.36
N TYR A 62 -14.76 -7.89 3.45
CA TYR A 62 -14.40 -9.25 3.82
C TYR A 62 -15.31 -10.25 3.14
N VAL A 63 -15.11 -10.40 1.83
CA VAL A 63 -15.88 -11.31 0.97
C VAL A 63 -15.87 -12.81 1.34
N GLY A 64 -14.91 -13.24 2.15
CA GLY A 64 -14.86 -14.65 2.51
C GLY A 64 -13.54 -15.27 2.11
N ASN A 65 -13.36 -16.55 2.42
CA ASN A 65 -12.13 -17.26 2.07
C ASN A 65 -12.48 -18.36 1.07
N LYS A 66 -12.11 -18.13 -0.18
CA LYS A 66 -12.41 -19.05 -1.26
C LYS A 66 -11.60 -20.34 -1.28
N ILE A 67 -10.35 -20.31 -0.84
CA ILE A 67 -9.56 -21.52 -0.86
C ILE A 67 -9.20 -22.00 0.54
N THR A 68 -8.92 -23.30 0.66
CA THR A 68 -8.60 -23.88 1.96
C THR A 68 -7.15 -24.26 2.15
N GLU A 69 -6.59 -24.96 1.17
CA GLU A 69 -5.21 -25.39 1.23
C GLU A 69 -4.32 -24.77 0.15
N VAL A 70 -3.04 -25.10 0.22
CA VAL A 70 -2.04 -24.62 -0.72
C VAL A 70 -1.86 -25.73 -1.75
N ASP A 71 -2.51 -25.59 -2.89
CA ASP A 71 -2.41 -26.63 -3.90
C ASP A 71 -1.05 -26.74 -4.57
N GLU A 72 -0.99 -27.63 -5.56
CA GLU A 72 0.24 -27.89 -6.30
C GLU A 72 0.82 -26.66 -6.97
N TYR A 73 -0.03 -25.88 -7.63
CA TYR A 73 0.42 -24.67 -8.33
C TYR A 73 1.01 -23.68 -7.35
N MET A 74 0.29 -23.41 -6.27
CA MET A 74 0.77 -22.49 -5.25
C MET A 74 2.12 -22.92 -4.70
N LYS A 75 2.31 -24.22 -4.54
CA LYS A 75 3.59 -24.72 -4.03
C LYS A 75 4.71 -24.47 -5.02
N GLU A 76 4.44 -24.67 -6.31
CA GLU A 76 5.45 -24.48 -7.32
C GLU A 76 5.77 -22.97 -7.38
N ALA A 77 4.74 -22.13 -7.31
CA ALA A 77 4.93 -20.69 -7.32
C ALA A 77 5.83 -20.36 -6.13
N VAL A 78 5.51 -20.92 -4.98
CA VAL A 78 6.32 -20.68 -3.79
C VAL A 78 7.77 -21.01 -4.05
N ASP A 79 8.03 -22.17 -4.63
CA ASP A 79 9.40 -22.58 -4.94
C ASP A 79 10.13 -21.65 -5.89
N HIS A 80 9.47 -21.30 -7.00
CA HIS A 80 10.10 -20.44 -7.98
C HIS A 80 10.45 -19.05 -7.42
N TYR A 81 9.46 -18.40 -6.79
CA TYR A 81 9.67 -17.08 -6.21
C TYR A 81 10.77 -17.15 -5.15
N ALA A 82 10.59 -18.04 -4.19
CA ALA A 82 11.58 -18.21 -3.15
C ALA A 82 12.95 -18.40 -3.81
N GLY A 83 12.94 -18.93 -5.02
CA GLY A 83 14.17 -19.14 -5.76
C GLY A 83 14.86 -17.83 -6.09
N GLN A 84 14.12 -16.89 -6.66
CA GLN A 84 14.65 -15.57 -7.02
C GLN A 84 15.19 -14.81 -5.82
N LEU A 85 14.40 -14.78 -4.74
CA LEU A 85 14.79 -14.05 -3.55
C LEU A 85 16.07 -14.63 -2.99
N MET A 86 16.27 -15.92 -3.25
CA MET A 86 17.45 -16.60 -2.76
C MET A 86 18.72 -15.98 -3.34
N SER A 87 18.59 -15.40 -4.54
CA SER A 87 19.72 -14.78 -5.21
C SER A 87 20.02 -13.40 -4.70
N LEU A 88 19.42 -13.03 -3.57
CA LEU A 88 19.66 -11.70 -3.02
C LEU A 88 20.54 -11.69 -1.79
N ASP A 89 20.77 -12.87 -1.22
CA ASP A 89 21.60 -12.96 -0.02
C ASP A 89 20.95 -12.25 1.15
N ILE A 90 19.62 -12.15 1.16
CA ILE A 90 18.96 -11.47 2.25
C ILE A 90 19.42 -11.94 3.62
N ASN A 91 20.04 -11.01 4.36
CA ASN A 91 20.53 -11.26 5.71
C ASN A 91 19.37 -11.76 6.57
N THR A 92 19.51 -12.94 7.16
CA THR A 92 18.45 -13.53 7.98
C THR A 92 18.46 -13.17 9.45
N GLU A 93 19.41 -12.34 9.87
CA GLU A 93 19.51 -11.93 11.28
C GLU A 93 18.34 -11.08 11.74
N GLN A 94 18.12 -11.08 13.05
CA GLN A 94 17.06 -10.28 13.62
C GLN A 94 17.61 -8.86 13.61
N MET A 95 16.74 -7.86 13.75
CA MET A 95 17.18 -6.48 13.75
C MET A 95 17.14 -5.93 15.17
N CAS A 96 18.29 -5.42 15.64
CA CAS A 96 18.40 -4.88 17.00
CB CAS A 96 19.80 -4.33 17.26
C CAS A 96 17.37 -3.79 17.27
O CAS A 96 17.20 -2.86 16.48
SG CAS A 96 20.11 -2.69 16.61
AS CAS A 96 22.37 -2.62 16.76
CE1 CAS A 96 22.81 -4.57 15.71
CE2 CAS A 96 22.98 -0.87 15.55
N LEU A 97 16.68 -3.92 18.40
CA LEU A 97 15.65 -2.96 18.80
C LEU A 97 15.93 -1.51 18.41
N GLU A 98 17.18 -1.09 18.46
CA GLU A 98 17.48 0.29 18.11
C GLU A 98 17.17 0.55 16.64
N ASP A 99 17.88 -0.13 15.75
CA ASP A 99 17.64 0.06 14.32
C ASP A 99 16.18 -0.16 13.95
N ALA A 100 15.52 -1.07 14.65
CA ALA A 100 14.12 -1.35 14.38
C ALA A 100 13.25 -0.16 14.74
N MET A 101 13.75 0.69 15.64
CA MET A 101 13.02 1.86 16.11
C MET A 101 13.31 3.17 15.38
N TYR A 102 14.60 3.50 15.26
CA TYR A 102 15.00 4.75 14.61
C TYR A 102 15.59 4.57 13.21
N GLY A 103 15.42 3.37 12.68
CA GLY A 103 15.90 3.09 11.34
C GLY A 103 17.39 2.91 11.14
N THR A 104 17.74 2.44 9.95
CA THR A 104 19.11 2.22 9.53
C THR A 104 19.08 2.17 8.02
N ASP A 105 20.21 1.88 7.38
CA ASP A 105 20.21 1.84 5.92
C ASP A 105 19.20 0.85 5.37
N GLY A 106 18.33 1.32 4.47
CA GLY A 106 17.32 0.47 3.88
C GLY A 106 16.01 0.42 4.66
N LEU A 107 15.89 1.22 5.71
CA LEU A 107 14.67 1.25 6.49
C LEU A 107 14.54 2.57 7.25
N GLU A 108 13.41 3.24 7.10
CA GLU A 108 13.19 4.51 7.78
C GLU A 108 12.77 4.22 9.21
N ALA A 109 12.86 5.23 10.06
CA ALA A 109 12.48 5.09 11.46
C ALA A 109 10.97 4.96 11.53
N LEU A 110 10.43 4.48 12.64
CA LEU A 110 8.98 4.38 12.71
C LEU A 110 8.39 5.75 12.48
N ASP A 111 7.14 5.79 12.03
CA ASP A 111 6.49 7.06 11.76
C ASP A 111 5.81 7.55 13.03
N LEU A 112 6.27 8.68 13.55
CA LEU A 112 5.73 9.26 14.79
C LEU A 112 4.34 9.84 14.70
N SER A 113 3.87 10.13 13.49
CA SER A 113 2.54 10.70 13.32
C SER A 113 1.39 9.71 13.48
N THR A 114 1.56 8.50 12.95
CA THR A 114 0.52 7.47 13.00
C THR A 114 0.30 6.86 14.37
N SER A 115 -0.93 6.42 14.60
CA SER A 115 -1.38 5.81 15.85
C SER A 115 -0.33 4.97 16.60
N ALA A 116 -0.71 4.50 17.79
CA ALA A 116 0.17 3.68 18.61
C ALA A 116 -0.59 2.43 19.01
N GLY A 117 -1.91 2.47 18.77
CA GLY A 117 -2.76 1.34 19.06
C GLY A 117 -2.80 0.87 20.51
N TYR A 118 -3.75 -0.01 20.78
CA TYR A 118 -3.97 -0.57 22.10
C TYR A 118 -2.66 -1.05 22.72
N PRO A 119 -2.49 -0.85 24.03
CA PRO A 119 -3.45 -0.21 24.93
C PRO A 119 -3.24 1.30 25.01
N TYR A 120 -2.08 1.73 24.51
CA TYR A 120 -1.65 3.12 24.53
C TYR A 120 -2.68 4.14 24.03
N VAL A 121 -3.50 3.75 23.07
CA VAL A 121 -4.49 4.69 22.55
C VAL A 121 -5.72 4.75 23.48
N ALA A 122 -5.68 3.99 24.57
CA ALA A 122 -6.77 3.99 25.54
C ALA A 122 -6.27 4.44 26.90
N MET A 123 -4.94 4.51 27.04
CA MET A 123 -4.30 4.96 28.28
C MET A 123 -3.92 6.41 28.08
N GLY A 124 -4.08 6.88 26.85
CA GLY A 124 -3.77 8.25 26.52
C GLY A 124 -2.33 8.48 26.09
N LYS A 125 -1.45 7.51 26.33
CA LYS A 125 -0.05 7.67 25.97
C LYS A 125 0.14 7.84 24.46
N LYS A 126 1.15 8.62 24.08
CA LYS A 126 1.44 8.90 22.68
C LYS A 126 2.86 8.47 22.28
N LYS A 127 3.12 8.44 20.98
CA LYS A 127 4.42 8.01 20.46
C LYS A 127 5.64 8.83 20.86
N ARG A 128 5.53 10.15 20.83
CA ARG A 128 6.66 10.98 21.20
C ARG A 128 7.03 10.72 22.66
N ASP A 129 6.09 10.14 23.41
CA ASP A 129 6.31 9.84 24.82
C ASP A 129 7.05 8.52 25.05
N ILE A 130 7.52 7.89 23.96
CA ILE A 130 8.20 6.61 24.10
C ILE A 130 9.60 6.55 23.49
N LEU A 131 9.89 7.49 22.60
CA LEU A 131 11.20 7.50 21.98
C LEU A 131 11.51 8.88 21.42
N ASN A 132 12.76 9.07 21.01
CA ASN A 132 13.20 10.34 20.43
C ASN A 132 14.42 10.13 19.54
N LYS A 133 14.35 10.71 18.35
CA LYS A 133 15.39 10.62 17.32
C LYS A 133 16.85 10.76 17.75
N GLN A 134 17.12 11.69 18.65
CA GLN A 134 18.49 11.96 19.11
C GLN A 134 19.01 11.01 20.19
N THR A 135 18.11 10.56 21.06
CA THR A 135 18.48 9.65 22.14
C THR A 135 18.65 8.22 21.62
N ARG A 136 17.61 7.72 20.98
CA ARG A 136 17.58 6.36 20.45
C ARG A 136 17.51 5.44 21.68
N ASP A 137 16.54 5.75 22.53
CA ASP A 137 16.30 5.03 23.77
C ASP A 137 15.43 3.80 23.59
N THR A 138 16.05 2.64 23.74
CA THR A 138 15.36 1.37 23.61
C THR A 138 14.64 1.04 24.92
N LYS A 139 15.28 1.44 26.03
CA LYS A 139 14.78 1.21 27.40
C LYS A 139 13.28 1.40 27.61
N GLU A 140 12.77 2.58 27.29
CA GLU A 140 11.35 2.84 27.49
C GLU A 140 10.50 1.87 26.64
N MET A 141 10.87 1.68 25.38
CA MET A 141 10.12 0.75 24.54
C MET A 141 10.23 -0.59 25.26
N GLN A 142 11.47 -1.05 25.37
CA GLN A 142 11.84 -2.31 26.01
C GLN A 142 10.95 -2.66 27.20
N LYS A 143 10.78 -1.70 28.10
CA LYS A 143 9.95 -1.91 29.29
C LYS A 143 8.50 -2.20 28.90
N LEU A 144 7.95 -1.36 28.03
CA LEU A 144 6.58 -1.52 27.56
C LEU A 144 6.39 -2.89 26.91
N LEU A 145 7.43 -3.36 26.23
CA LEU A 145 7.37 -4.67 25.59
C LEU A 145 7.22 -5.72 26.68
N ASP A 146 8.16 -5.73 27.62
CA ASP A 146 8.13 -6.67 28.72
C ASP A 146 6.81 -6.56 29.47
N THR A 147 6.32 -5.33 29.60
CA THR A 147 5.07 -5.10 30.31
C THR A 147 3.83 -5.61 29.57
N TYR A 148 3.64 -5.21 28.31
CA TYR A 148 2.45 -5.62 27.57
C TYR A 148 2.63 -6.69 26.49
N GLY A 149 3.87 -7.12 26.27
CA GLY A 149 4.15 -8.15 25.28
C GLY A 149 3.86 -7.84 23.82
N ILE A 150 3.40 -8.85 23.08
CA ILE A 150 3.09 -8.70 21.67
C ILE A 150 1.72 -9.32 21.37
N ASN A 151 1.38 -9.40 20.09
CA ASN A 151 0.09 -9.95 19.65
C ASN A 151 -1.05 -9.15 20.25
N LEU A 152 -0.92 -7.83 20.22
CA LEU A 152 -1.95 -6.97 20.77
C LEU A 152 -2.95 -6.63 19.67
N PRO A 153 -4.24 -6.51 20.04
CA PRO A 153 -5.35 -6.20 19.12
C PRO A 153 -5.07 -5.05 18.17
N LEU A 154 -5.72 -5.09 17.03
CA LEU A 154 -5.59 -4.05 16.05
C LEU A 154 -6.68 -3.03 16.24
N VAL A 155 -6.27 -1.78 16.39
CA VAL A 155 -7.28 -0.74 16.54
C VAL A 155 -7.69 -0.34 15.12
N THR A 156 -8.97 -0.52 14.82
CA THR A 156 -9.46 -0.17 13.49
C THR A 156 -9.96 1.26 13.44
N TYR A 157 -9.45 2.02 12.47
CA TYR A 157 -9.81 3.42 12.26
C TYR A 157 -10.39 3.58 10.87
N VAL A 158 -11.29 4.54 10.68
CA VAL A 158 -11.84 4.79 9.35
C VAL A 158 -10.87 5.80 8.77
N LYS A 159 -10.43 5.60 7.53
CA LYS A 159 -9.47 6.52 6.92
C LYS A 159 -10.07 7.82 6.43
N ASP A 160 -9.47 8.94 6.87
CA ASP A 160 -9.91 10.29 6.50
C ASP A 160 -9.22 10.71 5.20
N GLU A 161 -9.95 10.58 4.10
CA GLU A 161 -9.41 10.89 2.79
C GLU A 161 -10.49 11.24 1.79
N LEU A 162 -10.11 11.64 0.57
CA LEU A 162 -11.10 11.96 -0.44
C LEU A 162 -11.62 10.71 -1.12
N ARG A 163 -12.90 10.69 -1.45
CA ARG A 163 -13.52 9.54 -2.10
C ARG A 163 -14.57 10.01 -3.10
N SER A 164 -14.82 9.20 -4.12
CA SER A 164 -15.81 9.54 -5.14
C SER A 164 -17.17 9.72 -4.49
N LYS A 165 -18.09 10.39 -5.18
CA LYS A 165 -19.43 10.64 -4.64
C LYS A 165 -20.13 9.31 -4.30
N THR A 166 -20.00 8.33 -5.20
CA THR A 166 -20.64 7.04 -4.98
C THR A 166 -20.07 6.37 -3.75
N LYS A 167 -18.75 6.25 -3.69
CA LYS A 167 -18.14 5.61 -2.54
C LYS A 167 -18.46 6.35 -1.24
N VAL A 168 -19.24 7.41 -1.34
CA VAL A 168 -19.64 8.16 -0.16
C VAL A 168 -21.04 7.69 0.18
N GLU A 169 -21.88 7.65 -0.85
CA GLU A 169 -23.27 7.22 -0.73
C GLU A 169 -23.39 5.75 -0.38
N GLN A 170 -22.35 4.98 -0.66
CA GLN A 170 -22.37 3.56 -0.34
C GLN A 170 -21.46 3.31 0.85
N GLY A 171 -21.16 4.38 1.58
CA GLY A 171 -20.32 4.27 2.76
C GLY A 171 -19.06 3.46 2.57
N LYS A 172 -18.62 3.33 1.33
CA LYS A 172 -17.41 2.58 1.00
C LYS A 172 -16.16 3.33 1.48
N SER A 173 -16.02 3.50 2.78
CA SER A 173 -14.85 4.19 3.30
C SER A 173 -13.80 3.13 3.62
N ARG A 174 -12.54 3.47 3.45
CA ARG A 174 -11.48 2.52 3.71
C ARG A 174 -11.09 2.56 5.18
N LEU A 175 -10.66 1.41 5.71
CA LEU A 175 -10.28 1.31 7.11
C LEU A 175 -8.79 1.13 7.30
N ILE A 176 -8.31 1.63 8.43
CA ILE A 176 -6.90 1.54 8.79
C ILE A 176 -6.80 0.69 10.04
N GLU A 177 -6.32 -0.55 9.89
CA GLU A 177 -6.17 -1.42 11.04
C GLU A 177 -4.80 -1.24 11.66
N ALA A 178 -4.71 -0.32 12.62
CA ALA A 178 -3.46 0.00 13.29
C ALA A 178 -3.02 -1.04 14.31
N SER A 179 -1.75 -1.42 14.22
CA SER A 179 -1.20 -2.41 15.11
C SER A 179 -0.47 -1.75 16.27
N SER A 180 -0.63 -2.30 17.46
CA SER A 180 0.05 -1.75 18.63
C SER A 180 1.52 -1.51 18.34
N LEU A 181 2.08 -0.44 18.91
CA LEU A 181 3.48 -0.12 18.69
C LEU A 181 4.34 -1.33 18.99
N ASN A 182 4.04 -2.03 20.07
CA ASN A 182 4.83 -3.20 20.44
C ASN A 182 4.97 -4.15 19.25
N ASP A 183 3.81 -4.61 18.78
CA ASP A 183 3.74 -5.50 17.64
C ASP A 183 4.58 -5.01 16.46
N SER A 184 4.38 -3.75 16.11
CA SER A 184 5.13 -3.16 15.02
C SER A 184 6.63 -3.24 15.25
N VAL A 185 7.04 -2.97 16.49
CA VAL A 185 8.45 -3.00 16.83
C VAL A 185 9.00 -4.41 16.74
N ALA A 186 8.20 -5.37 17.21
CA ALA A 186 8.61 -6.77 17.17
C ALA A 186 8.85 -7.14 15.70
N MET A 187 7.78 -7.06 14.91
CA MET A 187 7.84 -7.38 13.49
C MET A 187 8.99 -6.70 12.77
N ARG A 188 9.25 -5.44 13.09
CA ARG A 188 10.34 -4.72 12.45
C ARG A 188 11.66 -5.32 12.88
N MET A 189 11.65 -6.00 14.03
CA MET A 189 12.86 -6.64 14.51
C MET A 189 13.04 -7.99 13.84
N ALA A 190 11.95 -8.72 13.68
CA ALA A 190 11.99 -10.02 13.04
C ALA A 190 12.30 -9.93 11.54
N PHE A 191 11.55 -9.07 10.86
CA PHE A 191 11.69 -8.89 9.41
C PHE A 191 12.42 -7.63 8.98
N GLY A 192 13.10 -7.00 9.93
CA GLY A 192 13.82 -5.79 9.63
C GLY A 192 14.72 -5.87 8.41
N ASN A 193 15.58 -6.88 8.36
CA ASN A 193 16.49 -6.99 7.24
C ASN A 193 15.83 -7.32 5.92
N LEU A 194 14.69 -8.00 5.99
CA LEU A 194 13.97 -8.35 4.79
C LEU A 194 13.53 -7.05 4.13
N TYR A 195 12.87 -6.22 4.94
CA TYR A 195 12.37 -4.93 4.51
C TYR A 195 13.44 -4.11 3.80
N ALA A 196 14.62 -4.07 4.41
CA ALA A 196 15.71 -3.31 3.83
C ALA A 196 16.07 -3.86 2.46
N ALA A 197 16.31 -5.17 2.40
CA ALA A 197 16.68 -5.83 1.14
C ALA A 197 15.72 -5.43 0.02
N PHE A 198 14.43 -5.46 0.33
CA PHE A 198 13.43 -5.10 -0.67
C PHE A 198 13.51 -3.63 -1.03
N HIS A 199 13.47 -2.76 -0.04
CA HIS A 199 13.53 -1.32 -0.29
C HIS A 199 14.71 -0.98 -1.19
N LYS A 200 15.83 -1.66 -0.97
CA LYS A 200 17.06 -1.43 -1.74
C LYS A 200 17.13 -2.14 -3.08
N ASN A 201 16.20 -3.06 -3.31
CA ASN A 201 16.19 -3.82 -4.57
C ASN A 201 14.87 -3.82 -5.29
N PRO A 202 14.32 -2.63 -5.55
CA PRO A 202 13.04 -2.66 -6.27
C PRO A 202 13.34 -3.22 -7.65
N GLY A 203 12.43 -4.03 -8.17
CA GLY A 203 12.64 -4.59 -9.48
C GLY A 203 11.99 -5.94 -9.69
N VAL A 204 12.53 -6.69 -10.64
CA VAL A 204 12.00 -7.99 -10.99
C VAL A 204 12.58 -9.17 -10.21
N ILE A 205 13.55 -8.91 -9.36
CA ILE A 205 14.11 -10.00 -8.56
C ILE A 205 13.33 -10.11 -7.27
N THR A 206 12.75 -9.00 -6.83
CA THR A 206 11.95 -9.03 -5.61
C THR A 206 10.55 -8.96 -6.15
N GLY A 207 10.43 -8.48 -7.38
CA GLY A 207 9.12 -8.36 -7.97
C GLY A 207 8.36 -7.37 -7.12
N SER A 208 9.12 -6.48 -6.49
CA SER A 208 8.58 -5.45 -5.63
C SER A 208 9.04 -4.10 -6.14
N ALA A 209 8.25 -3.08 -5.84
CA ALA A 209 8.57 -1.73 -6.24
C ALA A 209 8.47 -0.85 -4.98
N VAL A 210 8.19 -1.47 -3.85
CA VAL A 210 8.06 -0.73 -2.62
C VAL A 210 9.33 0.02 -2.24
N GLY A 211 9.17 1.30 -1.91
CA GLY A 211 10.30 2.12 -1.52
C GLY A 211 11.09 2.60 -2.72
N CAS A 212 10.40 2.70 -3.84
CA CAS A 212 11.01 3.09 -5.08
CB CAS A 212 10.32 2.29 -6.18
C CAS A 212 10.84 4.59 -5.31
O CAS A 212 10.01 5.22 -4.68
SG CAS A 212 9.23 3.24 -7.24
AS CAS A 212 7.25 3.37 -6.13
CE1 CAS A 212 6.41 1.42 -6.82
CE2 CAS A 212 7.71 3.41 -3.94
N ASP A 213 11.66 5.14 -6.21
CA ASP A 213 11.56 6.56 -6.56
C ASP A 213 11.20 6.65 -8.04
N PRO A 214 9.92 6.84 -8.34
CA PRO A 214 9.36 6.95 -9.69
C PRO A 214 10.13 7.78 -10.71
N ASP A 215 10.72 8.90 -10.26
CA ASP A 215 11.46 9.74 -11.19
C ASP A 215 12.67 9.02 -11.80
N LEU A 216 13.29 8.15 -11.00
CA LEU A 216 14.44 7.41 -11.43
C LEU A 216 14.06 6.01 -11.92
N PHE A 217 13.19 5.37 -11.15
CA PHE A 217 12.75 4.01 -11.44
C PHE A 217 11.97 3.74 -12.72
N TRP A 218 11.21 4.71 -13.20
CA TRP A 218 10.44 4.48 -14.42
C TRP A 218 11.31 4.18 -15.62
N SER A 219 12.58 4.58 -15.55
CA SER A 219 13.47 4.36 -16.67
C SER A 219 14.10 2.98 -16.69
N LYS A 220 14.10 2.31 -15.54
CA LYS A 220 14.67 0.97 -15.44
C LYS A 220 13.63 -0.10 -15.75
N ILE A 221 12.37 0.26 -15.64
CA ILE A 221 11.31 -0.71 -15.87
C ILE A 221 11.23 -1.38 -17.24
N PRO A 222 11.07 -0.61 -18.33
CA PRO A 222 10.98 -1.25 -19.64
C PRO A 222 12.11 -2.21 -19.96
N VAL A 223 13.28 -1.91 -19.45
CA VAL A 223 14.43 -2.75 -19.70
C VAL A 223 14.22 -4.10 -19.03
N LEU A 224 13.59 -4.05 -17.86
CA LEU A 224 13.32 -5.24 -17.07
C LEU A 224 12.17 -6.11 -17.59
N MET A 225 11.20 -5.48 -18.23
CA MET A 225 10.04 -6.18 -18.77
C MET A 225 10.33 -6.99 -20.02
N GLU A 226 9.53 -8.04 -20.21
CA GLU A 226 9.64 -8.90 -21.37
C GLU A 226 8.92 -8.24 -22.52
N GLU A 227 8.75 -8.98 -23.60
CA GLU A 227 8.11 -8.46 -24.79
C GLU A 227 6.65 -8.05 -24.62
N LYS A 228 5.82 -8.97 -24.15
CA LYS A 228 4.39 -8.73 -23.99
C LYS A 228 3.94 -8.40 -22.57
N LEU A 229 3.26 -7.27 -22.41
CA LEU A 229 2.79 -6.81 -21.10
C LEU A 229 1.36 -7.22 -20.75
N PHE A 230 1.12 -7.48 -19.47
CA PHE A 230 -0.22 -7.78 -19.02
C PHE A 230 -0.40 -7.22 -17.62
N ALA A 231 -1.61 -6.74 -17.33
CA ALA A 231 -1.90 -6.16 -16.04
C ALA A 231 -3.38 -6.16 -15.73
N PHE A 232 -3.69 -5.97 -14.44
CA PHE A 232 -5.08 -5.90 -13.95
C PHE A 232 -5.05 -5.37 -12.52
N ASP A 233 -6.20 -4.94 -12.03
CA ASP A 233 -6.27 -4.41 -10.68
C ASP A 233 -7.17 -5.32 -9.87
N TYR A 234 -6.95 -5.36 -8.57
CA TYR A 234 -7.76 -6.17 -7.69
C TYR A 234 -8.82 -5.32 -7.04
N THR A 235 -9.95 -5.94 -6.74
CA THR A 235 -11.02 -5.26 -6.05
C THR A 235 -10.93 -5.81 -4.63
N GLY A 236 -10.56 -4.96 -3.69
CA GLY A 236 -10.45 -5.39 -2.31
C GLY A 236 -9.45 -6.51 -2.13
N TYR A 237 -8.27 -6.34 -2.70
CA TYR A 237 -7.21 -7.34 -2.61
C TYR A 237 -7.02 -7.75 -1.14
N ASP A 238 -6.42 -6.85 -0.36
CA ASP A 238 -6.16 -7.11 1.05
C ASP A 238 -7.17 -7.99 1.77
N ALA A 239 -8.42 -7.55 1.78
CA ALA A 239 -9.47 -8.30 2.47
C ALA A 239 -9.80 -9.65 1.83
N SER A 240 -9.67 -9.76 0.52
CA SER A 240 -10.00 -11.00 -0.17
C SER A 240 -9.04 -12.16 0.12
N LEU A 241 -7.80 -11.84 0.49
CA LEU A 241 -6.81 -12.87 0.77
C LEU A 241 -7.28 -13.95 1.75
N SER A 242 -7.12 -15.22 1.36
CA SER A 242 -7.51 -16.35 2.19
C SER A 242 -6.32 -16.80 3.04
N PRO A 243 -6.57 -17.55 4.12
CA PRO A 243 -5.46 -18.03 4.96
C PRO A 243 -4.39 -18.79 4.18
N ALA A 244 -4.81 -19.57 3.19
CA ALA A 244 -3.84 -20.34 2.41
C ALA A 244 -2.72 -19.44 1.84
N TRP A 245 -3.09 -18.24 1.37
CA TRP A 245 -2.09 -17.34 0.82
C TRP A 245 -1.08 -16.91 1.85
N PHE A 246 -1.50 -16.83 3.10
CA PHE A 246 -0.56 -16.45 4.15
C PHE A 246 0.41 -17.61 4.37
N GLU A 247 -0.10 -18.84 4.28
CA GLU A 247 0.75 -20.01 4.47
C GLU A 247 1.81 -20.03 3.40
N ALA A 248 1.35 -19.89 2.16
CA ALA A 248 2.28 -19.89 1.04
C ALA A 248 3.36 -18.86 1.35
N LEU A 249 2.94 -17.73 1.93
CA LEU A 249 3.90 -16.69 2.28
C LEU A 249 4.94 -17.19 3.29
N LYS A 250 4.48 -17.93 4.29
CA LYS A 250 5.37 -18.47 5.31
C LYS A 250 6.31 -19.47 4.67
N MET A 251 5.78 -20.28 3.75
CA MET A 251 6.60 -21.27 3.07
C MET A 251 7.76 -20.55 2.41
N VAL A 252 7.49 -19.36 1.88
CA VAL A 252 8.51 -18.57 1.22
C VAL A 252 9.52 -18.06 2.24
N LEU A 253 9.01 -17.50 3.34
CA LEU A 253 9.87 -16.96 4.39
C LEU A 253 10.75 -18.07 4.93
N GLU A 254 10.13 -19.22 5.15
CA GLU A 254 10.80 -20.40 5.67
C GLU A 254 11.99 -20.75 4.76
N LYS A 255 11.70 -20.94 3.48
CA LYS A 255 12.72 -21.30 2.51
C LYS A 255 13.85 -20.31 2.38
N ILE A 256 13.62 -19.04 2.69
CA ILE A 256 14.70 -18.05 2.56
C ILE A 256 15.42 -17.75 3.86
N GLY A 257 15.18 -18.55 4.88
CA GLY A 257 15.86 -18.37 6.15
C GLY A 257 15.14 -17.67 7.28
N PHE A 258 13.82 -17.55 7.21
CA PHE A 258 13.07 -16.89 8.28
C PHE A 258 12.04 -17.82 8.90
N GLY A 259 12.14 -19.12 8.61
CA GLY A 259 11.20 -20.09 9.15
C GLY A 259 11.01 -19.83 10.63
N ASP A 260 12.04 -19.18 11.15
CA ASP A 260 12.16 -18.75 12.54
C ASP A 260 10.93 -18.03 13.08
N ARG A 261 10.55 -16.93 12.43
CA ARG A 261 9.43 -16.11 12.87
C ARG A 261 8.17 -16.09 12.02
N VAL A 262 7.92 -17.16 11.29
CA VAL A 262 6.73 -17.20 10.44
C VAL A 262 5.49 -17.03 11.33
N ASP A 263 5.68 -17.15 12.63
CA ASP A 263 4.59 -17.01 13.59
C ASP A 263 3.90 -15.66 13.43
N TYR A 264 4.73 -14.62 13.28
CA TYR A 264 4.23 -13.27 13.13
C TYR A 264 3.19 -13.19 12.02
N ILE A 265 3.43 -13.91 10.94
CA ILE A 265 2.51 -13.91 9.82
C ILE A 265 1.12 -14.40 10.27
N ASP A 266 1.08 -15.29 11.25
CA ASP A 266 -0.18 -15.84 11.76
C ASP A 266 -1.05 -14.78 12.33
N TYR A 267 -0.38 -13.83 12.95
CA TYR A 267 -1.05 -12.70 13.52
C TYR A 267 -1.72 -11.86 12.44
N LEU A 268 -1.09 -11.67 11.26
CA LEU A 268 -1.72 -10.88 10.23
C LEU A 268 -2.89 -11.63 9.68
N ASN A 269 -2.78 -12.95 9.59
CA ASN A 269 -3.81 -13.83 9.08
C ASN A 269 -5.03 -13.91 10.01
N HIS A 270 -4.85 -14.54 11.17
CA HIS A 270 -5.91 -14.65 12.15
C HIS A 270 -5.84 -13.40 13.03
N SER A 271 -6.63 -12.40 12.68
CA SER A 271 -6.61 -11.10 13.36
C SER A 271 -7.66 -10.78 14.42
N HIS A 272 -7.18 -10.06 15.44
CA HIS A 272 -7.97 -9.60 16.57
C HIS A 272 -8.18 -8.08 16.40
N HIS A 273 -9.41 -7.66 16.17
CA HIS A 273 -9.69 -6.24 15.92
C HIS A 273 -10.61 -5.46 16.88
N LEU A 274 -10.24 -4.21 17.14
CA LEU A 274 -11.02 -3.31 17.99
C LEU A 274 -11.52 -2.11 17.15
N TYR A 275 -12.83 -1.97 17.01
CA TYR A 275 -13.41 -0.86 16.27
C TYR A 275 -14.49 -0.21 17.13
N LYS A 276 -14.16 0.92 17.74
CA LYS A 276 -15.12 1.63 18.60
C LYS A 276 -15.37 0.84 19.88
N ASN A 277 -16.65 0.56 20.12
CA ASN A 277 -17.08 -0.19 21.28
C ASN A 277 -17.12 -1.69 20.97
N LYS A 278 -17.07 -2.04 19.69
CA LYS A 278 -17.11 -3.43 19.26
C LYS A 278 -15.75 -4.08 19.08
N THR A 279 -15.73 -5.41 19.17
CA THR A 279 -14.52 -6.19 18.99
C THR A 279 -14.84 -7.40 18.08
N TYR A 280 -13.95 -7.68 17.15
CA TYR A 280 -14.16 -8.79 16.24
C TYR A 280 -12.89 -9.57 15.92
N CAS A 281 -13.10 -10.73 15.32
CA CAS A 281 -12.03 -11.63 14.96
CB CAS A 281 -12.16 -12.90 15.82
C CAS A 281 -12.11 -11.94 13.46
O CAS A 281 -13.18 -12.28 12.93
SG CAS A 281 -10.99 -14.19 15.51
AS CAS A 281 -9.37 -13.59 16.96
CE1 CAS A 281 -9.78 -15.13 18.53
CE2 CAS A 281 -7.51 -14.06 15.83
N VAL A 282 -10.98 -11.82 12.77
CA VAL A 282 -10.94 -12.07 11.35
C VAL A 282 -10.03 -13.25 10.93
N LYS A 283 -10.60 -14.14 10.11
CA LYS A 283 -9.83 -15.28 9.60
C LYS A 283 -9.41 -14.94 8.18
N GLY A 284 -8.13 -14.59 8.04
CA GLY A 284 -7.63 -14.22 6.73
C GLY A 284 -7.71 -12.72 6.60
N GLY A 285 -7.34 -12.20 5.43
CA GLY A 285 -7.35 -10.77 5.21
C GLY A 285 -6.07 -10.15 5.75
N MET A 286 -5.48 -9.24 4.98
CA MET A 286 -4.26 -8.56 5.38
C MET A 286 -4.61 -7.23 6.04
N PRO A 287 -4.15 -7.01 7.29
CA PRO A 287 -4.44 -5.76 8.01
C PRO A 287 -3.72 -4.61 7.31
N SER A 288 -4.40 -3.50 7.12
CA SER A 288 -3.84 -2.33 6.44
C SER A 288 -2.72 -1.52 7.13
N GLY A 289 -2.77 -1.39 8.46
CA GLY A 289 -1.76 -0.59 9.13
C GLY A 289 -0.69 -1.37 9.86
N CAS A 290 -0.19 -2.43 9.23
CA CAS A 290 0.84 -3.21 9.86
CB CAS A 290 0.38 -4.68 9.93
C CAS A 290 2.22 -3.11 9.19
O CAS A 290 2.35 -2.83 7.99
SG CAS A 290 -0.31 -5.16 11.51
AS CAS A 290 1.50 -6.20 12.46
CE1 CAS A 290 3.03 -4.63 12.06
CE2 CAS A 290 0.91 -6.15 14.59
N SER A 291 3.26 -3.28 10.01
CA SER A 291 4.66 -3.26 9.63
C SER A 291 4.93 -4.41 8.68
N GLY A 292 5.06 -4.08 7.40
CA GLY A 292 5.31 -5.10 6.41
C GLY A 292 4.14 -5.25 5.47
N THR A 293 2.98 -4.74 5.87
CA THR A 293 1.80 -4.84 5.03
C THR A 293 2.14 -4.70 3.56
N SER A 294 2.79 -3.60 3.21
CA SER A 294 3.17 -3.32 1.84
C SER A 294 3.96 -4.44 1.21
N ILE A 295 5.06 -4.79 1.86
CA ILE A 295 5.93 -5.84 1.36
C ILE A 295 5.28 -7.23 1.29
N PHE A 296 4.71 -7.68 2.40
CA PHE A 296 4.08 -8.99 2.41
C PHE A 296 2.98 -9.05 1.37
N ASN A 297 2.27 -7.93 1.19
CA ASN A 297 1.20 -7.87 0.21
C ASN A 297 1.79 -8.11 -1.20
N SER A 298 2.97 -7.53 -1.44
CA SER A 298 3.67 -7.64 -2.72
C SER A 298 4.23 -9.05 -2.95
N MET A 299 4.71 -9.68 -1.89
CA MET A 299 5.28 -11.00 -1.99
C MET A 299 4.16 -11.97 -2.34
N ILE A 300 3.03 -11.81 -1.65
CA ILE A 300 1.90 -12.66 -1.93
C ILE A 300 1.48 -12.48 -3.38
N ASN A 301 1.48 -11.24 -3.86
CA ASN A 301 1.10 -10.97 -5.25
C ASN A 301 2.05 -11.71 -6.21
N ASN A 302 3.32 -11.78 -5.86
CA ASN A 302 4.25 -12.48 -6.70
C ASN A 302 3.83 -13.95 -6.76
N LEU A 303 3.30 -14.47 -5.65
CA LEU A 303 2.82 -15.85 -5.56
C LEU A 303 1.53 -16.03 -6.36
N ILE A 304 0.59 -15.11 -6.19
CA ILE A 304 -0.67 -15.18 -6.88
C ILE A 304 -0.52 -15.26 -8.40
N ILE A 305 0.19 -14.30 -8.99
CA ILE A 305 0.39 -14.27 -10.45
C ILE A 305 1.07 -15.56 -10.91
N ARG A 306 2.08 -16.01 -10.16
CA ARG A 306 2.76 -17.24 -10.54
C ARG A 306 1.76 -18.40 -10.49
N THR A 307 0.90 -18.40 -9.48
CA THR A 307 -0.07 -19.47 -9.37
C THR A 307 -1.04 -19.52 -10.54
N LEU A 308 -1.75 -18.43 -10.81
CA LEU A 308 -2.71 -18.43 -11.92
C LEU A 308 -2.05 -18.75 -13.26
N LEU A 309 -0.75 -18.52 -13.37
CA LEU A 309 -0.06 -18.82 -14.63
C LEU A 309 0.19 -20.32 -14.76
N LEU A 310 0.72 -20.93 -13.71
CA LEU A 310 1.00 -22.37 -13.71
C LEU A 310 -0.28 -23.19 -13.82
N LYS A 311 -1.38 -22.61 -13.37
CA LYS A 311 -2.67 -23.26 -13.37
C LYS A 311 -3.36 -23.18 -14.71
N THR A 312 -3.12 -22.09 -15.42
CA THR A 312 -3.75 -21.84 -16.70
C THR A 312 -2.91 -22.18 -17.92
N TYR A 313 -1.62 -21.89 -17.85
CA TYR A 313 -0.72 -22.15 -18.96
C TYR A 313 0.35 -23.14 -18.58
N LYS A 314 -0.05 -24.39 -18.39
CA LYS A 314 0.90 -25.43 -18.03
C LYS A 314 2.06 -25.41 -19.01
N GLY A 315 3.28 -25.45 -18.47
CA GLY A 315 4.45 -25.43 -19.32
C GLY A 315 5.05 -24.05 -19.43
N ILE A 316 4.34 -23.05 -18.90
CA ILE A 316 4.84 -21.68 -18.95
C ILE A 316 6.19 -21.54 -18.25
N ASP A 317 7.06 -20.67 -18.75
CA ASP A 317 8.38 -20.48 -18.15
C ASP A 317 8.45 -19.28 -17.20
N LEU A 318 8.26 -19.55 -15.90
CA LEU A 318 8.29 -18.49 -14.90
C LEU A 318 9.57 -17.68 -14.92
N ASP A 319 10.68 -18.31 -15.29
CA ASP A 319 11.96 -17.60 -15.37
C ASP A 319 11.88 -16.46 -16.36
N HIS A 320 10.77 -16.38 -17.11
CA HIS A 320 10.61 -15.30 -18.05
C HIS A 320 9.36 -14.52 -17.72
N LEU A 321 8.94 -14.68 -16.48
CA LEU A 321 7.81 -13.90 -15.98
C LEU A 321 8.56 -12.71 -15.38
N LYS A 322 8.30 -11.52 -15.91
CA LYS A 322 8.94 -10.32 -15.39
C LYS A 322 7.83 -9.45 -14.84
N MET A 323 7.73 -9.39 -13.53
CA MET A 323 6.68 -8.58 -12.92
C MET A 323 7.20 -7.73 -11.76
N ILE A 324 6.46 -6.66 -11.48
CA ILE A 324 6.81 -5.77 -10.38
C ILE A 324 5.49 -5.41 -9.71
N ALA A 325 5.42 -5.64 -8.42
CA ALA A 325 4.20 -5.34 -7.71
C ALA A 325 4.45 -4.35 -6.60
N TYR A 326 3.35 -3.74 -6.16
CA TYR A 326 3.36 -2.78 -5.08
C TYR A 326 2.01 -3.01 -4.42
N GLY A 327 1.94 -4.02 -3.56
CA GLY A 327 0.67 -4.32 -2.93
C GLY A 327 -0.22 -4.96 -3.98
N ASP A 328 -1.43 -4.43 -4.16
CA ASP A 328 -2.34 -4.99 -5.15
C ASP A 328 -1.96 -4.59 -6.56
N ASP A 329 -1.24 -3.49 -6.66
CA ASP A 329 -0.82 -2.98 -7.95
C ASP A 329 0.31 -3.81 -8.59
N VAL A 330 0.11 -4.23 -9.84
CA VAL A 330 1.14 -5.01 -10.52
C VAL A 330 1.29 -4.66 -12.00
N ILE A 331 2.52 -4.83 -12.50
CA ILE A 331 2.83 -4.61 -13.90
C ILE A 331 3.67 -5.84 -14.24
N ALA A 332 3.21 -6.63 -15.20
CA ALA A 332 3.93 -7.85 -15.56
C ALA A 332 4.15 -7.99 -17.04
N SER A 333 4.95 -8.99 -17.41
CA SER A 333 5.25 -9.23 -18.81
C SER A 333 5.70 -10.66 -19.04
N TYR A 334 5.60 -11.09 -20.30
CA TYR A 334 5.98 -12.45 -20.70
C TYR A 334 6.34 -12.42 -22.18
N PRO A 335 7.28 -13.27 -22.63
CA PRO A 335 7.64 -13.27 -24.05
C PRO A 335 6.41 -13.42 -24.96
N HIS A 336 5.45 -14.20 -24.50
CA HIS A 336 4.24 -14.43 -25.28
C HIS A 336 3.05 -13.79 -24.62
N GLU A 337 2.10 -13.41 -25.45
CA GLU A 337 0.88 -12.78 -25.01
C GLU A 337 0.09 -13.79 -24.18
N VAL A 338 -0.69 -13.29 -23.22
CA VAL A 338 -1.51 -14.16 -22.38
C VAL A 338 -2.87 -13.52 -22.25
N ASP A 339 -3.88 -14.32 -21.93
CA ASP A 339 -5.23 -13.82 -21.80
C ASP A 339 -5.48 -13.34 -20.36
N ALA A 340 -5.50 -12.03 -20.16
CA ALA A 340 -5.75 -11.47 -18.82
C ALA A 340 -7.12 -11.86 -18.32
N SER A 341 -8.11 -11.75 -19.21
CA SER A 341 -9.48 -12.10 -18.86
C SER A 341 -9.57 -13.54 -18.38
N LEU A 342 -8.77 -14.40 -18.99
CA LEU A 342 -8.75 -15.81 -18.63
C LEU A 342 -8.12 -15.97 -17.25
N LEU A 343 -6.97 -15.32 -17.04
CA LEU A 343 -6.29 -15.38 -15.76
C LEU A 343 -7.20 -14.86 -14.68
N ALA A 344 -7.92 -13.77 -14.99
CA ALA A 344 -8.83 -13.18 -14.03
C ALA A 344 -9.80 -14.24 -13.56
N GLN A 345 -10.19 -15.11 -14.48
CA GLN A 345 -11.13 -16.17 -14.17
C GLN A 345 -10.55 -17.12 -13.12
N SER A 346 -9.32 -17.60 -13.32
CA SER A 346 -8.70 -18.51 -12.35
C SER A 346 -8.61 -17.80 -11.01
N GLY A 347 -8.47 -16.48 -11.07
CA GLY A 347 -8.37 -15.67 -9.88
C GLY A 347 -9.54 -15.91 -8.94
N LYS A 348 -10.75 -15.94 -9.46
CA LYS A 348 -11.91 -16.15 -8.61
C LYS A 348 -11.81 -17.45 -7.83
N ASP A 349 -11.32 -18.51 -8.48
CA ASP A 349 -11.18 -19.80 -7.83
C ASP A 349 -10.20 -19.73 -6.67
N TYR A 350 -9.38 -18.70 -6.67
CA TYR A 350 -8.40 -18.49 -5.62
C TYR A 350 -8.85 -17.38 -4.65
N GLY A 351 -10.07 -16.90 -4.87
CA GLY A 351 -10.64 -15.87 -4.02
C GLY A 351 -10.23 -14.45 -4.32
N LEU A 352 -9.83 -14.19 -5.57
CA LEU A 352 -9.40 -12.85 -5.96
C LEU A 352 -10.29 -12.25 -7.04
N THR A 353 -10.64 -10.98 -6.88
CA THR A 353 -11.46 -10.29 -7.86
C THR A 353 -10.53 -9.42 -8.67
N MET A 354 -10.11 -9.92 -9.83
CA MET A 354 -9.20 -9.20 -10.71
C MET A 354 -10.02 -8.57 -11.84
N THR A 355 -9.62 -7.39 -12.28
CA THR A 355 -10.35 -6.72 -13.33
C THR A 355 -9.43 -5.97 -14.28
N PRO A 356 -9.94 -5.63 -15.48
CA PRO A 356 -9.20 -4.91 -16.51
C PRO A 356 -8.46 -3.75 -15.87
N ALA A 357 -7.15 -3.76 -16.00
CA ALA A 357 -6.31 -2.70 -15.44
C ALA A 357 -6.92 -1.31 -15.73
N ASP A 358 -7.19 -0.53 -14.69
CA ASP A 358 -7.75 0.82 -14.85
C ASP A 358 -9.21 0.83 -15.31
N LYS A 359 -10.09 0.39 -14.40
CA LYS A 359 -11.53 0.30 -14.63
C LYS A 359 -11.99 0.12 -16.08
N SER A 360 -11.19 -0.53 -16.91
CA SER A 360 -11.63 -0.76 -18.29
C SER A 360 -12.91 -1.58 -18.20
N ALA A 361 -13.67 -1.59 -19.29
CA ALA A 361 -14.91 -2.34 -19.33
C ALA A 361 -14.57 -3.77 -19.68
N THR A 362 -13.46 -3.92 -20.39
CA THR A 362 -13.03 -5.22 -20.83
C THR A 362 -11.51 -5.30 -20.81
N PHE A 363 -10.99 -6.52 -20.95
CA PHE A 363 -9.56 -6.75 -20.95
C PHE A 363 -8.95 -6.56 -22.33
N GLU A 364 -8.33 -5.40 -22.55
CA GLU A 364 -7.71 -5.12 -23.82
C GLU A 364 -6.20 -5.35 -23.78
N THR A 365 -5.54 -5.18 -24.91
CA THR A 365 -4.10 -5.40 -24.98
C THR A 365 -3.38 -4.32 -24.20
N VAL A 366 -2.37 -4.71 -23.42
CA VAL A 366 -1.61 -3.74 -22.63
C VAL A 366 -0.36 -3.29 -23.37
N THR A 367 -0.23 -1.99 -23.54
CA THR A 367 0.91 -1.40 -24.24
C THR A 367 1.58 -0.31 -23.41
N TRP A 368 2.78 0.09 -23.83
CA TRP A 368 3.50 1.14 -23.11
C TRP A 368 2.79 2.46 -23.22
N GLU A 369 1.83 2.54 -24.13
CA GLU A 369 1.09 3.77 -24.34
C GLU A 369 -0.04 3.88 -23.32
N ASN A 370 -0.67 2.75 -22.99
CA ASN A 370 -1.80 2.76 -22.05
C ASN A 370 -1.56 2.13 -20.67
N VAL A 371 -0.42 1.51 -20.47
CA VAL A 371 -0.15 0.88 -19.20
C VAL A 371 0.12 1.91 -18.09
N THR A 372 -0.41 1.64 -16.90
CA THR A 372 -0.18 2.53 -15.79
C THR A 372 0.30 1.70 -14.60
N PHE A 373 1.10 2.31 -13.74
CA PHE A 373 1.58 1.62 -12.54
C PHE A 373 1.63 2.73 -11.51
N LEU A 374 0.84 2.59 -10.44
CA LEU A 374 0.78 3.62 -9.41
C LEU A 374 0.08 4.85 -9.95
N LYS A 375 -0.91 4.62 -10.82
CA LYS A 375 -1.69 5.69 -11.42
C LYS A 375 -0.87 6.45 -12.47
N ARG A 376 0.42 6.14 -12.53
CA ARG A 376 1.35 6.79 -13.46
C ARG A 376 1.51 6.09 -14.81
N PHE A 377 1.78 6.88 -15.84
CA PHE A 377 1.98 6.34 -17.17
C PHE A 377 3.45 6.31 -17.43
N PHE A 378 3.84 5.84 -18.61
CA PHE A 378 5.22 5.83 -18.99
C PHE A 378 5.27 6.63 -20.27
N ARG A 379 6.16 7.61 -20.30
CA ARG A 379 6.31 8.47 -21.47
C ARG A 379 7.77 8.88 -21.65
N ALA A 380 8.36 8.48 -22.76
CA ALA A 380 9.75 8.81 -23.03
C ALA A 380 9.88 10.32 -23.24
N ASP A 381 10.98 10.88 -22.75
CA ASP A 381 11.21 12.30 -22.91
C ASP A 381 11.60 12.64 -24.34
N GLU A 382 10.98 13.67 -24.88
CA GLU A 382 11.23 14.11 -26.24
C GLU A 382 12.69 14.40 -26.59
N LYS A 383 13.42 15.03 -25.68
CA LYS A 383 14.82 15.34 -25.96
C LYS A 383 15.76 14.15 -25.75
N TYR A 384 15.45 13.30 -24.78
CA TYR A 384 16.28 12.13 -24.50
C TYR A 384 15.36 10.94 -24.20
N PRO A 385 14.70 10.39 -25.23
CA PRO A 385 13.78 9.26 -25.11
C PRO A 385 14.23 8.08 -24.24
N PHE A 386 15.53 7.95 -24.01
CA PHE A 386 15.97 6.84 -23.19
C PHE A 386 15.73 7.12 -21.70
N LEU A 387 15.10 8.26 -21.42
CA LEU A 387 14.74 8.62 -20.06
C LEU A 387 13.23 8.60 -20.06
N ILE A 388 12.62 7.88 -19.12
CA ILE A 388 11.17 7.77 -19.08
C ILE A 388 10.47 8.52 -17.96
N HIS A 389 9.49 9.33 -18.36
CA HIS A 389 8.71 10.13 -17.45
C HIS A 389 7.60 9.40 -16.75
N PRO A 390 7.57 9.49 -15.42
CA PRO A 390 6.47 8.81 -14.76
C PRO A 390 5.38 9.88 -14.81
N VAL A 391 4.33 9.65 -15.58
CA VAL A 391 3.27 10.64 -15.75
C VAL A 391 1.93 10.43 -15.03
N MET A 392 1.74 11.15 -13.93
CA MET A 392 0.52 11.10 -13.14
C MET A 392 -0.53 12.00 -13.77
N PRO A 393 -1.76 11.52 -13.98
CA PRO A 393 -2.76 12.40 -14.58
C PRO A 393 -3.04 13.67 -13.78
N MET A 394 -3.31 14.77 -14.49
CA MET A 394 -3.57 16.03 -13.79
C MET A 394 -4.83 15.95 -12.95
N LYS A 395 -5.83 15.22 -13.44
CA LYS A 395 -7.08 15.07 -12.73
C LYS A 395 -6.85 14.70 -11.28
N GLU A 396 -5.95 13.75 -11.07
CA GLU A 396 -5.59 13.30 -9.74
C GLU A 396 -5.05 14.48 -8.92
N ILE A 397 -4.13 15.22 -9.54
CA ILE A 397 -3.49 16.36 -8.90
C ILE A 397 -4.48 17.48 -8.61
N HIS A 398 -5.39 17.71 -9.56
CA HIS A 398 -6.39 18.75 -9.38
C HIS A 398 -7.22 18.39 -8.16
N GLU A 399 -7.64 17.13 -8.10
CA GLU A 399 -8.44 16.65 -6.98
C GLU A 399 -7.78 16.86 -5.62
N SER A 400 -6.52 16.49 -5.49
CA SER A 400 -5.83 16.61 -4.21
C SER A 400 -5.60 18.02 -3.73
N ILE A 401 -5.44 18.94 -4.67
CA ILE A 401 -5.13 20.31 -4.33
C ILE A 401 -6.33 21.15 -3.87
N ARG A 402 -7.55 20.71 -4.20
CA ARG A 402 -8.73 21.46 -3.82
C ARG A 402 -9.09 21.30 -2.36
N TRP A 403 -8.29 20.51 -1.64
CA TRP A 403 -8.56 20.30 -0.22
C TRP A 403 -7.32 20.45 0.63
N THR A 404 -7.53 20.51 1.94
CA THR A 404 -6.40 20.64 2.85
C THR A 404 -6.78 20.16 4.22
N LYS A 405 -5.83 19.51 4.89
CA LYS A 405 -6.05 19.01 6.23
C LYS A 405 -5.46 20.02 7.22
N ASP A 406 -4.23 20.45 6.95
CA ASP A 406 -3.55 21.42 7.80
C ASP A 406 -3.03 22.54 6.92
N PRO A 407 -3.43 23.80 7.22
CA PRO A 407 -3.01 24.98 6.47
C PRO A 407 -1.50 25.20 6.53
N ARG A 408 -0.88 24.68 7.58
CA ARG A 408 0.56 24.81 7.77
C ARG A 408 1.38 23.88 6.87
N ASN A 409 0.71 23.04 6.11
CA ASN A 409 1.43 22.12 5.23
C ASN A 409 1.10 22.38 3.77
N THR A 410 0.44 23.51 3.51
CA THR A 410 0.07 23.87 2.15
C THR A 410 1.31 23.99 1.25
N GLN A 411 2.39 24.54 1.79
CA GLN A 411 3.61 24.67 1.03
C GLN A 411 4.08 23.27 0.60
N ASP A 412 4.23 22.38 1.59
CA ASP A 412 4.70 21.02 1.31
C ASP A 412 3.74 20.25 0.41
N HIS A 413 2.46 20.41 0.64
CA HIS A 413 1.45 19.71 -0.15
C HIS A 413 1.48 20.13 -1.63
N VAL A 414 1.52 21.43 -1.87
CA VAL A 414 1.51 21.91 -3.23
C VAL A 414 2.82 21.61 -3.92
N ARG A 415 3.92 21.77 -3.18
CA ARG A 415 5.24 21.48 -3.72
C ARG A 415 5.21 20.04 -4.27
N SER A 416 4.72 19.12 -3.45
CA SER A 416 4.60 17.72 -3.83
C SER A 416 3.87 17.57 -5.13
N LEU A 417 2.66 18.13 -5.17
CA LEU A 417 1.87 18.02 -6.38
C LEU A 417 2.69 18.50 -7.58
N CYS A 418 3.51 19.53 -7.38
CA CYS A 418 4.33 20.04 -8.46
C CYS A 418 5.34 19.01 -8.95
N LEU A 419 5.90 18.25 -8.01
CA LEU A 419 6.86 17.22 -8.35
C LEU A 419 6.22 16.12 -9.18
N LEU A 420 4.92 15.96 -9.09
CA LEU A 420 4.24 14.94 -9.86
C LEU A 420 3.83 15.51 -11.20
N ALA A 421 3.17 16.66 -11.14
CA ALA A 421 2.61 17.36 -12.30
C ALA A 421 3.48 17.70 -13.49
N TRP A 422 4.62 18.37 -13.24
CA TRP A 422 5.49 18.79 -14.33
C TRP A 422 5.76 17.74 -15.40
N HIS A 423 5.71 16.46 -15.04
CA HIS A 423 5.94 15.39 -16.01
C HIS A 423 4.88 15.40 -17.12
N ASN A 424 3.80 16.16 -16.91
CA ASN A 424 2.74 16.25 -17.91
C ASN A 424 3.12 17.25 -18.98
N GLY A 425 4.37 17.71 -18.94
CA GLY A 425 4.82 18.67 -19.93
C GLY A 425 4.87 20.09 -19.42
N GLU A 426 5.71 20.90 -20.05
CA GLU A 426 5.89 22.29 -19.66
C GLU A 426 4.64 23.14 -19.85
N GLU A 427 3.98 23.01 -20.99
CA GLU A 427 2.79 23.81 -21.21
C GLU A 427 1.78 23.56 -20.10
N GLU A 428 1.54 22.28 -19.81
CA GLU A 428 0.58 21.85 -18.80
C GLU A 428 0.95 22.30 -17.40
N TYR A 429 2.24 22.19 -17.09
CA TYR A 429 2.74 22.56 -15.79
C TYR A 429 2.53 24.05 -15.53
N ASN A 430 2.82 24.87 -16.55
CA ASN A 430 2.67 26.30 -16.41
C ASN A 430 1.22 26.71 -16.20
N LYS A 431 0.27 26.06 -16.88
CA LYS A 431 -1.14 26.40 -16.67
C LYS A 431 -1.47 26.13 -15.21
N PHE A 432 -0.82 25.11 -14.67
CA PHE A 432 -1.00 24.69 -13.28
C PHE A 432 -0.42 25.76 -12.35
N LEU A 433 0.83 26.15 -12.58
CA LEU A 433 1.45 27.17 -11.74
C LEU A 433 0.63 28.46 -11.80
N ALA A 434 0.19 28.80 -13.01
CA ALA A 434 -0.60 29.98 -13.26
C ALA A 434 -1.84 30.04 -12.34
N LYS A 435 -2.68 29.02 -12.43
CA LYS A 435 -3.89 28.95 -11.62
C LYS A 435 -3.56 29.00 -10.13
N ILE A 436 -2.50 28.32 -9.74
CA ILE A 436 -2.10 28.32 -8.33
C ILE A 436 -1.80 29.76 -7.88
N ARG A 437 -1.12 30.52 -8.74
CA ARG A 437 -0.76 31.90 -8.44
C ARG A 437 -1.87 32.89 -8.76
N SER A 438 -3.09 32.38 -8.95
CA SER A 438 -4.21 33.25 -9.24
C SER A 438 -4.97 33.65 -7.98
N VAL A 439 -4.46 33.23 -6.82
CA VAL A 439 -5.05 33.55 -5.54
C VAL A 439 -3.91 33.85 -4.58
N PRO A 440 -4.14 34.70 -3.57
CA PRO A 440 -3.12 35.06 -2.59
C PRO A 440 -2.24 33.93 -2.07
N ILE A 441 -2.88 32.90 -1.53
CA ILE A 441 -2.14 31.77 -0.96
C ILE A 441 -1.09 31.20 -1.93
N GLY A 442 -1.52 30.89 -3.14
CA GLY A 442 -0.60 30.35 -4.13
C GLY A 442 0.57 31.29 -4.37
N ARG A 443 0.27 32.52 -4.71
CA ARG A 443 1.29 33.51 -4.98
C ARG A 443 2.32 33.65 -3.85
N ALA A 444 1.98 33.17 -2.66
CA ALA A 444 2.88 33.25 -1.52
C ALA A 444 3.80 32.04 -1.40
N LEU A 445 3.44 30.94 -2.05
CA LEU A 445 4.21 29.71 -2.01
C LEU A 445 5.48 29.80 -2.85
N ASP A 446 6.44 28.93 -2.52
CA ASP A 446 7.72 28.85 -3.22
C ASP A 446 7.67 27.61 -4.11
N LEU A 447 7.39 27.79 -5.39
CA LEU A 447 7.28 26.67 -6.30
C LEU A 447 8.36 26.67 -7.36
N PRO A 448 8.85 25.47 -7.73
CA PRO A 448 9.89 25.32 -8.73
C PRO A 448 9.36 25.56 -10.13
N GLU A 449 10.15 26.22 -10.95
CA GLU A 449 9.75 26.48 -12.33
C GLU A 449 10.01 25.21 -13.17
N TYR A 450 9.35 25.11 -14.30
CA TYR A 450 9.49 23.95 -15.15
C TYR A 450 10.93 23.62 -15.52
N SER A 451 11.66 24.62 -15.99
CA SER A 451 13.04 24.37 -16.37
C SER A 451 13.87 23.90 -15.17
N THR A 452 13.57 24.38 -13.98
CA THR A 452 14.35 23.96 -12.82
C THR A 452 14.20 22.45 -12.62
N LEU A 453 12.95 22.02 -12.59
CA LEU A 453 12.61 20.63 -12.38
C LEU A 453 13.14 19.71 -13.47
N TYR A 454 12.93 20.07 -14.72
CA TYR A 454 13.39 19.23 -15.81
C TYR A 454 14.90 19.05 -15.86
N ASP A 455 15.65 20.10 -15.53
CA ASP A 455 17.11 19.99 -15.54
C ASP A 455 17.54 19.11 -14.38
N ARG A 456 17.06 19.43 -13.19
CA ARG A 456 17.40 18.69 -12.00
C ARG A 456 17.16 17.20 -12.23
N TRP A 457 16.14 16.90 -13.02
CA TRP A 457 15.78 15.53 -13.34
C TRP A 457 16.84 14.90 -14.21
N LEU A 458 17.20 15.60 -15.30
CA LEU A 458 18.21 15.11 -16.24
C LEU A 458 19.52 14.75 -15.56
N ASP A 459 19.90 15.52 -14.55
CA ASP A 459 21.16 15.24 -13.87
C ASP A 459 21.07 14.14 -12.82
N SER A 460 19.85 13.88 -12.33
CA SER A 460 19.58 12.89 -11.28
C SER A 460 19.97 11.44 -11.59
N PHE A 461 20.05 11.09 -12.87
CA PHE A 461 20.41 9.73 -13.21
C PHE A 461 21.89 9.41 -13.01
MN MN B . -7.80 -1.48 -6.31
MN MN C . -4.08 -0.51 -6.42
NA NA D . -6.91 -10.37 9.29
PA UTP E . -10.65 0.67 -2.17
O1A UTP E . -11.70 1.74 -1.58
O2A UTP E . -9.49 1.31 -2.81
O3A UTP E . -11.49 -0.26 -3.19
O5' UTP E . -10.26 -0.30 -0.94
PB UTP E . -10.82 -0.74 -4.58
O1B UTP E . -10.57 -2.32 -4.42
O2B UTP E . -9.60 0.01 -4.93
O3B UTP E . -12.01 -0.57 -5.66
PG UTP E . -11.82 -0.95 -7.20
O1G UTP E . -11.73 -2.56 -7.26
O2G UTP E . -13.20 -0.56 -7.94
O3G UTP E . -10.65 -0.30 -7.83
C5' UTP E . -9.71 -1.60 -1.17
C4' UTP E . -8.21 -1.55 -1.19
O4' UTP E . -7.74 -0.41 -0.43
C1' UTP E . -6.45 -0.67 0.06
C2' UTP E . -6.14 -2.17 -0.11
O2' UTP E . -5.10 -2.33 -1.05
C3' UTP E . -7.49 -2.75 -0.58
O3' UTP E . -7.32 -3.77 -1.55
N1 UTP E . -6.30 -0.05 1.38
C6 UTP E . -7.30 -0.03 2.33
C2 UTP E . -5.08 0.56 1.64
O2 UTP E . -4.14 0.55 0.85
N3 UTP E . -4.97 1.20 2.86
C4 UTP E . -5.95 1.28 3.84
O4 UTP E . -5.73 1.95 4.85
C5 UTP E . -7.17 0.60 3.51
C ACY F . -3.20 22.78 0.68
O ACY F . -3.68 23.85 1.24
OXT ACY F . -2.54 21.85 1.24
CH3 ACY F . -3.48 22.69 -0.80
C ACY G . -8.53 -24.08 -6.08
O ACY G . -9.10 -24.40 -4.97
OXT ACY G . -7.28 -24.05 -6.33
CH3 ACY G . -9.51 -23.73 -7.18
C ACY H . -1.38 38.70 -2.62
O ACY H . -2.55 39.17 -2.93
OXT ACY H . -0.77 37.73 -3.21
CH3 ACY H . -0.74 39.42 -1.43
C ACY I . -1.29 10.99 -20.75
O ACY I . -2.13 10.26 -21.42
OXT ACY I . -0.06 11.18 -21.02
CH3 ACY I . -1.90 11.68 -19.53
#